data_9AYT
#
_entry.id   9AYT
#
_cell.length_a   108.500
_cell.length_b   108.500
_cell.length_c   228.500
_cell.angle_alpha   90.00
_cell.angle_beta   90.00
_cell.angle_gamma   120.00
#
_symmetry.space_group_name_H-M   'H 3'
#
loop_
_entity.id
_entity.type
_entity.pdbx_description
1 polymer 'GcL lactonase'
2 non-polymer 'COBALT (II) ION'
3 non-polymer 'FE (III) ION'
4 non-polymer 1,2-ETHANEDIOL
5 non-polymer 'ACETATE ION'
6 non-polymer N-[(3S)-2-oxotetrahydrofuran-3-yl]hexanamide
7 non-polymer 'PENTAETHYLENE GLYCOL'
8 non-polymer 'SULFATE ION'
9 water water
#
_entity_poly.entity_id   1
_entity_poly.type   'polypeptide(L)'
_entity_poly.pdbx_seq_one_letter_code
;WSHPQFEKENLYFQSMANVIKARPKLYVMDNGRMRMDKNWMIAMHNPATIHNPNAQTEFVEFPIYTVLIDHPEGKILFDT
SCNPNSMGPQGRWAESTQQMFPWTATEECYLHNRLEQLKVRPEDIRYVVASHLHLDHAGCLEMFTNATIIVHEDEFNGAL
QCYARNQKEGAYIWADIDAWIKNNLQWRTVKRHEDNILLAEGVKVLNFGSGHAWGMLGLHVELPETGGIILASDAIYTAE
SYGPPIKPPGIIYDSLGYMNTVERIRRIAQETKSQVWFGHDAEQFKKFRKSTEGYYE
;
_entity_poly.pdbx_strand_id   P,D
#
# COMPACT_ATOMS: atom_id res chain seq x y z
N LYS A 21 -19.21 35.24 -10.95
CA LYS A 21 -18.64 34.60 -9.73
C LYS A 21 -19.58 33.50 -9.24
N ALA A 22 -19.00 32.34 -8.90
CA ALA A 22 -19.76 31.20 -8.39
C ALA A 22 -20.42 31.56 -7.07
N ARG A 23 -21.66 31.10 -6.90
CA ARG A 23 -22.43 31.33 -5.68
C ARG A 23 -22.80 29.98 -5.06
N PRO A 24 -21.82 29.23 -4.52
CA PRO A 24 -22.10 27.93 -3.92
C PRO A 24 -22.88 28.01 -2.62
N LYS A 25 -23.45 26.87 -2.20
CA LYS A 25 -24.06 26.72 -0.90
C LYS A 25 -23.40 25.54 -0.18
N LEU A 26 -23.01 25.76 1.07
CA LEU A 26 -22.31 24.77 1.87
C LEU A 26 -23.23 24.29 3.00
N TYR A 27 -23.40 22.96 3.10
CA TYR A 27 -24.28 22.34 4.08
C TYR A 27 -23.48 21.52 5.08
N VAL A 28 -23.86 21.61 6.36
CA VAL A 28 -23.35 20.75 7.41
C VAL A 28 -24.39 19.66 7.72
N MET A 29 -23.98 18.39 7.64
CA MET A 29 -24.88 17.28 7.81
C MET A 29 -24.50 16.48 9.07
N ASP A 30 -25.50 16.29 9.94
CA ASP A 30 -25.34 15.62 11.22
C ASP A 30 -25.43 14.10 11.01
N ASN A 31 -24.35 13.38 11.35
CA ASN A 31 -24.25 11.95 11.09
C ASN A 31 -24.11 11.17 12.40
N GLY A 32 -24.63 11.72 13.50
CA GLY A 32 -24.76 10.98 14.75
C GLY A 32 -23.66 11.32 15.76
N ARG A 33 -23.48 10.43 16.75
CA ARG A 33 -22.62 10.67 17.90
C ARG A 33 -21.80 9.42 18.22
N MET A 34 -20.59 9.62 18.75
CA MET A 34 -19.71 8.54 19.16
C MET A 34 -19.20 8.82 20.58
N ARG A 35 -18.76 7.75 21.26
CA ARG A 35 -18.16 7.87 22.58
C ARG A 35 -16.87 7.06 22.63
N MET A 36 -15.93 7.48 23.49
CA MET A 36 -14.68 6.76 23.70
C MET A 36 -13.96 7.34 24.91
N ASP A 37 -12.95 6.60 25.40
CA ASP A 37 -12.07 7.05 26.47
C ASP A 37 -11.51 8.42 26.10
N LYS A 38 -11.55 9.36 27.05
CA LYS A 38 -11.13 10.73 26.82
C LYS A 38 -9.60 10.76 26.60
N ASN A 39 -8.92 9.71 27.06
CA ASN A 39 -7.47 9.61 26.91
C ASN A 39 -7.11 9.49 25.44
N TRP A 40 -8.01 8.91 24.63
CA TRP A 40 -7.83 8.85 23.19
C TRP A 40 -7.75 10.26 22.62
N MET A 41 -8.60 11.16 23.15
CA MET A 41 -8.82 12.47 22.57
C MET A 41 -7.79 13.47 23.11
N ILE A 42 -7.47 13.32 24.41
CA ILE A 42 -6.48 14.17 25.08
C ILE A 42 -5.58 13.29 25.93
N ALA A 43 -4.33 13.12 25.49
CA ALA A 43 -3.39 12.20 26.11
C ALA A 43 -3.10 12.60 27.55
N MET A 44 -3.09 11.60 28.45
CA MET A 44 -2.77 11.80 29.86
C MET A 44 -3.53 13.01 30.40
N HIS A 45 -4.84 13.05 30.17
CA HIS A 45 -5.67 14.20 30.50
C HIS A 45 -5.83 14.32 32.02
N ASN A 46 -5.66 13.20 32.73
CA ASN A 46 -5.87 13.16 34.17
C ASN A 46 -4.98 12.08 34.78
N PRO A 47 -3.66 12.33 34.93
CA PRO A 47 -2.72 11.30 35.37
C PRO A 47 -2.89 10.91 36.84
N ALA A 48 -2.61 9.63 37.14
CA ALA A 48 -2.60 9.15 38.51
C ALA A 48 -1.51 9.87 39.32
N THR A 49 -1.79 10.09 40.61
CA THR A 49 -0.85 10.70 41.53
C THR A 49 -0.77 9.84 42.80
N ILE A 50 0.08 10.25 43.74
CA ILE A 50 0.30 9.52 44.97
C ILE A 50 -0.98 9.55 45.80
N HIS A 51 -1.81 10.58 45.58
CA HIS A 51 -3.04 10.77 46.33
C HIS A 51 -4.24 10.23 45.56
N ASN A 52 -4.03 9.91 44.27
CA ASN A 52 -5.06 9.32 43.43
C ASN A 52 -4.41 8.28 42.52
N PRO A 53 -3.83 7.20 43.09
CA PRO A 53 -3.04 6.23 42.32
C PRO A 53 -3.83 5.35 41.36
N ASN A 54 -5.16 5.35 41.49
CA ASN A 54 -6.03 4.56 40.64
C ASN A 54 -6.98 5.49 39.89
N ALA A 55 -6.44 6.62 39.41
CA ALA A 55 -7.22 7.66 38.76
C ALA A 55 -8.14 7.08 37.71
N GLN A 56 -9.31 7.72 37.54
CA GLN A 56 -10.34 7.29 36.61
C GLN A 56 -10.37 8.22 35.38
N THR A 57 -10.70 7.64 34.22
CA THR A 57 -10.92 8.42 33.00
C THR A 57 -12.41 8.62 32.81
N GLU A 58 -12.78 9.27 31.69
N GLU A 58 -12.79 9.28 31.69
CA GLU A 58 -14.17 9.53 31.34
CA GLU A 58 -14.18 9.51 31.36
C GLU A 58 -14.49 8.90 29.99
C GLU A 58 -14.49 8.86 30.01
N PHE A 59 -15.78 8.85 29.67
CA PHE A 59 -16.26 8.29 28.41
C PHE A 59 -17.09 9.36 27.69
N VAL A 60 -16.41 10.15 26.85
CA VAL A 60 -16.97 11.40 26.31
C VAL A 60 -17.67 11.14 24.98
N GLU A 61 -18.68 11.98 24.69
CA GLU A 61 -19.48 11.89 23.48
C GLU A 61 -19.16 13.08 22.56
N PHE A 62 -19.16 12.84 21.25
CA PHE A 62 -18.79 13.85 20.28
C PHE A 62 -19.50 13.59 18.96
N PRO A 63 -19.71 14.63 18.11
CA PRO A 63 -20.41 14.46 16.85
C PRO A 63 -19.57 13.90 15.70
N ILE A 64 -20.22 13.12 14.84
CA ILE A 64 -19.71 12.75 13.53
C ILE A 64 -20.50 13.54 12.49
N TYR A 65 -19.81 14.27 11.61
CA TYR A 65 -20.50 15.08 10.62
C TYR A 65 -19.71 15.10 9.31
N THR A 66 -20.40 15.56 8.25
CA THR A 66 -19.86 15.69 6.90
C THR A 66 -20.29 17.05 6.34
N VAL A 67 -19.63 17.47 5.25
CA VAL A 67 -19.88 18.75 4.64
C VAL A 67 -20.09 18.56 3.14
N LEU A 68 -21.17 19.14 2.60
CA LEU A 68 -21.45 19.14 1.18
C LEU A 68 -21.33 20.56 0.63
N ILE A 69 -20.56 20.71 -0.45
N ILE A 69 -20.57 20.69 -0.46
CA ILE A 69 -20.46 21.97 -1.16
CA ILE A 69 -20.44 21.95 -1.17
C ILE A 69 -21.19 21.85 -2.49
C ILE A 69 -21.19 21.85 -2.50
N ASP A 70 -22.36 22.48 -2.56
CA ASP A 70 -23.14 22.54 -3.79
C ASP A 70 -22.57 23.64 -4.67
N HIS A 71 -21.62 23.26 -5.53
CA HIS A 71 -20.87 24.19 -6.35
C HIS A 71 -21.37 24.09 -7.79
N PRO A 72 -21.50 25.23 -8.52
CA PRO A 72 -21.92 25.19 -9.92
C PRO A 72 -21.04 24.29 -10.78
N GLU A 73 -19.77 24.13 -10.38
CA GLU A 73 -18.81 23.32 -11.13
C GLU A 73 -19.00 21.84 -10.78
N GLY A 74 -19.79 21.57 -9.75
CA GLY A 74 -20.04 20.20 -9.31
C GLY A 74 -20.07 20.09 -7.79
N LYS A 75 -20.69 19.02 -7.29
CA LYS A 75 -20.90 18.82 -5.87
C LYS A 75 -19.70 18.11 -5.25
N ILE A 76 -19.25 18.63 -4.11
CA ILE A 76 -18.08 18.13 -3.41
C ILE A 76 -18.49 17.71 -2.00
N LEU A 77 -18.01 16.54 -1.57
CA LEU A 77 -18.31 15.98 -0.27
C LEU A 77 -17.02 15.78 0.52
N PHE A 78 -16.98 16.27 1.76
CA PHE A 78 -15.83 16.11 2.63
C PHE A 78 -16.18 15.12 3.76
N ASP A 79 -15.51 13.97 3.74
CA ASP A 79 -15.75 12.88 4.70
C ASP A 79 -17.08 12.20 4.38
N THR A 80 -17.32 11.03 4.99
CA THR A 80 -18.49 10.22 4.65
C THR A 80 -19.06 9.50 5.88
N SER A 81 -18.57 9.85 7.09
CA SER A 81 -19.09 9.31 8.34
C SER A 81 -18.91 7.79 8.40
N CYS A 82 -19.77 7.12 9.18
CA CYS A 82 -19.68 5.69 9.43
C CYS A 82 -20.65 4.92 8.53
N ASN A 83 -20.31 3.66 8.24
CA ASN A 83 -21.18 2.78 7.47
C ASN A 83 -22.41 2.44 8.32
N PRO A 84 -23.62 2.45 7.73
CA PRO A 84 -24.85 2.11 8.47
C PRO A 84 -24.87 0.71 9.10
N ASN A 85 -23.98 -0.17 8.64
CA ASN A 85 -23.94 -1.55 9.15
C ASN A 85 -22.64 -1.77 9.92
N SER A 86 -22.30 -0.81 10.80
CA SER A 86 -21.06 -0.85 11.56
C SER A 86 -21.27 -1.58 12.88
N MET A 87 -22.35 -1.22 13.59
CA MET A 87 -22.59 -1.70 14.94
C MET A 87 -23.52 -2.91 14.90
N GLY A 88 -23.61 -3.62 16.04
CA GLY A 88 -24.51 -4.75 16.19
C GLY A 88 -23.77 -6.08 16.11
N PRO A 89 -24.45 -7.21 16.40
CA PRO A 89 -23.83 -8.54 16.31
C PRO A 89 -23.47 -8.93 14.88
N GLN A 90 -24.21 -8.38 13.91
CA GLN A 90 -23.96 -8.60 12.49
C GLN A 90 -23.20 -7.41 11.91
N GLY A 91 -22.53 -6.66 12.78
CA GLY A 91 -21.85 -5.43 12.39
C GLY A 91 -20.50 -5.70 11.74
N ARG A 92 -19.99 -4.69 11.01
CA ARG A 92 -18.71 -4.78 10.33
C ARG A 92 -17.57 -4.57 11.32
N TRP A 93 -17.82 -3.80 12.38
CA TRP A 93 -16.81 -3.52 13.39
C TRP A 93 -16.64 -4.71 14.31
N ALA A 94 -15.37 -5.02 14.65
CA ALA A 94 -15.05 -6.06 15.61
C ALA A 94 -15.64 -5.69 16.97
N GLU A 95 -15.87 -6.71 17.82
CA GLU A 95 -16.58 -6.54 19.08
C GLU A 95 -15.83 -5.55 19.96
N SER A 96 -14.50 -5.68 20.01
CA SER A 96 -13.67 -4.84 20.85
C SER A 96 -13.75 -3.38 20.39
N THR A 97 -13.88 -3.20 19.07
CA THR A 97 -13.98 -1.87 18.49
C THR A 97 -15.31 -1.23 18.92
N GLN A 98 -16.39 -2.01 18.85
CA GLN A 98 -17.73 -1.51 19.14
C GLN A 98 -17.82 -1.06 20.60
N GLN A 99 -17.05 -1.73 21.48
CA GLN A 99 -17.10 -1.48 22.91
C GLN A 99 -16.26 -0.26 23.27
N MET A 100 -15.24 0.02 22.46
CA MET A 100 -14.30 1.10 22.75
C MET A 100 -14.71 2.39 22.05
N PHE A 101 -15.40 2.27 20.90
CA PHE A 101 -15.76 3.43 20.09
C PHE A 101 -17.20 3.30 19.58
N PRO A 102 -18.21 3.14 20.46
CA PRO A 102 -19.60 2.94 20.03
C PRO A 102 -20.20 4.14 19.30
N TRP A 103 -20.89 3.86 18.19
CA TRP A 103 -21.56 4.87 17.38
C TRP A 103 -23.07 4.73 17.51
N THR A 104 -23.76 5.85 17.76
CA THR A 104 -25.21 5.89 17.84
C THR A 104 -25.75 6.91 16.84
N ALA A 105 -26.74 6.50 16.04
CA ALA A 105 -27.31 7.35 15.01
C ALA A 105 -28.69 6.84 14.59
N THR A 106 -29.64 7.77 14.43
CA THR A 106 -30.96 7.47 13.88
C THR A 106 -30.86 7.40 12.36
N GLU A 107 -31.95 6.95 11.72
N GLU A 107 -31.93 6.93 11.72
CA GLU A 107 -31.96 6.66 10.29
CA GLU A 107 -31.95 6.68 10.28
C GLU A 107 -31.76 7.95 9.49
C GLU A 107 -31.73 7.99 9.52
N GLU A 108 -32.29 9.06 10.00
N GLU A 108 -32.30 9.08 10.04
CA GLU A 108 -32.22 10.35 9.32
CA GLU A 108 -32.24 10.38 9.36
C GLU A 108 -30.79 10.89 9.40
C GLU A 108 -30.81 10.90 9.42
N CYS A 109 -29.97 10.25 10.23
CA CYS A 109 -28.59 10.65 10.42
C CYS A 109 -27.67 9.99 9.39
N TYR A 110 -28.10 8.86 8.83
CA TYR A 110 -27.32 8.18 7.80
C TYR A 110 -27.06 9.14 6.65
N LEU A 111 -25.87 9.06 6.07
CA LEU A 111 -25.41 10.02 5.09
C LEU A 111 -26.34 10.03 3.88
N HIS A 112 -26.74 8.84 3.43
N HIS A 112 -26.77 8.84 3.45
CA HIS A 112 -27.58 8.68 2.25
CA HIS A 112 -27.57 8.71 2.23
C HIS A 112 -28.89 9.46 2.44
C HIS A 112 -28.93 9.40 2.42
N ASN A 113 -29.39 9.46 3.68
CA ASN A 113 -30.66 10.09 3.99
C ASN A 113 -30.50 11.61 4.05
N ARG A 114 -29.40 12.06 4.68
CA ARG A 114 -29.11 13.48 4.78
C ARG A 114 -29.05 14.10 3.38
N LEU A 115 -28.38 13.41 2.46
CA LEU A 115 -28.23 13.87 1.09
C LEU A 115 -29.60 13.88 0.41
N GLU A 116 -30.41 12.85 0.71
CA GLU A 116 -31.71 12.67 0.08
C GLU A 116 -32.61 13.87 0.38
N GLN A 117 -32.54 14.38 1.61
CA GLN A 117 -33.40 15.47 2.05
C GLN A 117 -33.03 16.76 1.32
N LEU A 118 -31.84 16.78 0.71
CA LEU A 118 -31.38 17.94 -0.04
C LEU A 118 -31.61 17.70 -1.53
N LYS A 119 -32.25 16.57 -1.85
CA LYS A 119 -32.50 16.16 -3.23
C LYS A 119 -31.18 15.87 -3.93
N VAL A 120 -30.25 15.22 -3.21
CA VAL A 120 -28.96 14.84 -3.76
C VAL A 120 -28.80 13.32 -3.68
N ARG A 121 -28.56 12.70 -4.84
CA ARG A 121 -28.26 11.28 -4.93
C ARG A 121 -26.74 11.09 -4.91
N PRO A 122 -26.24 9.95 -4.39
CA PRO A 122 -24.80 9.66 -4.39
C PRO A 122 -24.15 9.91 -5.75
N GLU A 123 -24.87 9.56 -6.82
CA GLU A 123 -24.33 9.62 -8.17
C GLU A 123 -24.10 11.06 -8.60
N ASP A 124 -24.66 12.01 -7.84
CA ASP A 124 -24.58 13.43 -8.18
C ASP A 124 -23.29 14.03 -7.63
N ILE A 125 -22.52 13.24 -6.87
CA ILE A 125 -21.30 13.71 -6.23
C ILE A 125 -20.12 13.54 -7.19
N ARG A 126 -19.44 14.66 -7.49
CA ARG A 126 -18.33 14.67 -8.41
C ARG A 126 -17.04 14.28 -7.69
N TYR A 127 -16.84 14.84 -6.48
CA TYR A 127 -15.62 14.64 -5.72
C TYR A 127 -15.94 14.29 -4.27
N VAL A 128 -15.26 13.27 -3.75
CA VAL A 128 -15.23 12.96 -2.33
C VAL A 128 -13.81 13.14 -1.82
N VAL A 129 -13.65 14.01 -0.81
CA VAL A 129 -12.36 14.20 -0.16
C VAL A 129 -12.36 13.42 1.15
N ALA A 130 -11.48 12.43 1.25
CA ALA A 130 -11.32 11.62 2.45
C ALA A 130 -10.16 12.16 3.30
N SER A 131 -10.51 12.86 4.39
CA SER A 131 -9.51 13.40 5.30
C SER A 131 -8.53 12.30 5.71
N HIS A 132 -9.08 11.12 6.03
CA HIS A 132 -8.31 9.90 6.27
C HIS A 132 -9.29 8.72 6.21
N LEU A 133 -8.80 7.50 6.52
CA LEU A 133 -9.57 6.30 6.24
C LEU A 133 -9.94 5.57 7.53
N HIS A 134 -10.02 6.31 8.64
CA HIS A 134 -10.52 5.75 9.89
C HIS A 134 -12.01 5.42 9.76
N LEU A 135 -12.51 4.61 10.70
CA LEU A 135 -13.82 3.99 10.60
C LEU A 135 -14.94 5.04 10.58
N ASP A 136 -14.66 6.24 11.09
CA ASP A 136 -15.69 7.24 11.32
C ASP A 136 -15.64 8.33 10.25
N HIS A 137 -14.84 8.13 9.20
CA HIS A 137 -14.70 9.12 8.14
C HIS A 137 -14.84 8.48 6.76
N ALA A 138 -14.52 7.17 6.67
CA ALA A 138 -14.46 6.47 5.39
C ALA A 138 -15.56 5.42 5.29
N GLY A 139 -16.52 5.48 6.22
CA GLY A 139 -17.57 4.48 6.35
C GLY A 139 -18.37 4.26 5.07
N CYS A 140 -18.69 5.34 4.35
CA CYS A 140 -19.67 5.28 3.27
C CYS A 140 -19.04 5.59 1.91
N LEU A 141 -17.73 5.44 1.80
CA LEU A 141 -17.02 5.69 0.55
C LEU A 141 -17.63 4.88 -0.59
N GLU A 142 -18.02 3.64 -0.28
CA GLU A 142 -18.44 2.65 -1.27
C GLU A 142 -19.66 3.14 -2.05
N MET A 143 -20.35 4.16 -1.51
CA MET A 143 -21.59 4.66 -2.08
C MET A 143 -21.32 5.45 -3.35
N PHE A 144 -20.16 6.12 -3.42
CA PHE A 144 -19.92 7.15 -4.43
C PHE A 144 -19.10 6.57 -5.58
N THR A 145 -19.77 5.76 -6.41
CA THR A 145 -19.15 5.03 -7.51
C THR A 145 -19.02 5.92 -8.74
N ASN A 146 -19.61 7.12 -8.69
CA ASN A 146 -19.62 8.03 -9.83
C ASN A 146 -18.67 9.19 -9.57
N ALA A 147 -17.94 9.13 -8.44
CA ALA A 147 -17.08 10.22 -8.03
C ALA A 147 -15.60 9.82 -8.12
N THR A 148 -14.73 10.83 -8.03
CA THR A 148 -13.31 10.63 -7.80
C THR A 148 -13.05 10.76 -6.30
N ILE A 149 -12.46 9.71 -5.71
CA ILE A 149 -12.14 9.69 -4.29
C ILE A 149 -10.71 10.20 -4.09
N ILE A 150 -10.58 11.35 -3.43
CA ILE A 150 -9.29 11.97 -3.15
C ILE A 150 -8.83 11.55 -1.75
N VAL A 151 -7.62 10.99 -1.67
CA VAL A 151 -7.09 10.43 -0.44
C VAL A 151 -5.56 10.53 -0.47
N HIS A 152 -4.94 10.61 0.71
CA HIS A 152 -3.49 10.62 0.84
C HIS A 152 -2.94 9.22 0.55
N GLU A 153 -1.84 9.16 -0.22
N GLU A 153 -1.85 9.16 -0.22
CA GLU A 153 -1.30 7.91 -0.72
CA GLU A 153 -1.31 7.90 -0.71
C GLU A 153 -0.82 7.04 0.44
C GLU A 153 -0.84 7.04 0.46
N ASP A 154 -0.23 7.67 1.46
CA ASP A 154 0.32 6.95 2.61
C ASP A 154 -0.82 6.34 3.43
N GLU A 155 -1.95 7.07 3.53
CA GLU A 155 -3.12 6.58 4.24
C GLU A 155 -3.69 5.38 3.50
N PHE A 156 -3.71 5.48 2.17
CA PHE A 156 -4.22 4.42 1.29
C PHE A 156 -3.37 3.17 1.43
N ASN A 157 -2.04 3.33 1.37
CA ASN A 157 -1.11 2.22 1.45
C ASN A 157 -1.25 1.49 2.79
N GLY A 158 -1.34 2.28 3.87
CA GLY A 158 -1.46 1.75 5.21
C GLY A 158 -2.72 0.90 5.38
N ALA A 159 -3.84 1.40 4.86
CA ALA A 159 -5.13 0.73 4.98
C ALA A 159 -5.08 -0.60 4.23
N LEU A 160 -4.48 -0.59 3.04
CA LEU A 160 -4.42 -1.77 2.18
C LEU A 160 -3.55 -2.85 2.83
N GLN A 161 -2.53 -2.45 3.60
CA GLN A 161 -1.69 -3.40 4.32
C GLN A 161 -2.49 -4.08 5.43
N CYS A 162 -3.31 -3.29 6.14
CA CYS A 162 -4.19 -3.81 7.17
C CYS A 162 -5.07 -4.92 6.58
N TYR A 163 -5.59 -4.66 5.37
CA TYR A 163 -6.45 -5.59 4.67
C TYR A 163 -5.67 -6.85 4.30
N ALA A 164 -4.47 -6.66 3.74
CA ALA A 164 -3.67 -7.75 3.20
C ALA A 164 -3.18 -8.67 4.32
N ARG A 165 -2.95 -8.10 5.51
CA ARG A 165 -2.46 -8.85 6.66
C ARG A 165 -3.63 -9.43 7.45
N ASN A 166 -4.85 -9.21 6.94
CA ASN A 166 -6.06 -9.75 7.53
C ASN A 166 -6.20 -9.26 8.98
N GLN A 167 -5.96 -7.96 9.20
CA GLN A 167 -6.17 -7.33 10.49
C GLN A 167 -7.67 -7.08 10.67
N LYS A 168 -8.25 -7.69 11.70
N LYS A 168 -8.25 -7.71 11.69
CA LYS A 168 -9.69 -7.66 11.92
CA LYS A 168 -9.68 -7.65 11.92
C LYS A 168 -10.03 -6.66 13.03
C LYS A 168 -10.02 -6.68 13.06
N GLU A 169 -9.01 -6.19 13.74
N GLU A 169 -8.98 -6.19 13.75
CA GLU A 169 -9.19 -5.20 14.79
CA GLU A 169 -9.16 -5.21 14.80
C GLU A 169 -8.46 -3.91 14.42
C GLU A 169 -8.45 -3.91 14.41
N GLY A 170 -8.71 -2.84 15.18
CA GLY A 170 -8.13 -1.54 14.91
C GLY A 170 -9.15 -0.59 14.29
N ALA A 171 -8.67 0.57 13.81
CA ALA A 171 -9.52 1.65 13.36
C ALA A 171 -9.73 1.58 11.84
N TYR A 172 -9.12 0.58 11.20
CA TYR A 172 -9.28 0.35 9.78
C TYR A 172 -10.12 -0.91 9.58
N ILE A 173 -11.34 -0.72 9.06
CA ILE A 173 -12.36 -1.76 9.01
C ILE A 173 -12.15 -2.63 7.76
N TRP A 174 -11.82 -3.90 8.01
CA TRP A 174 -11.54 -4.86 6.95
C TRP A 174 -12.70 -4.91 5.96
N ALA A 175 -13.94 -4.93 6.49
CA ALA A 175 -15.14 -5.12 5.68
C ALA A 175 -15.42 -3.88 4.83
N ASP A 176 -15.06 -2.69 5.33
CA ASP A 176 -15.24 -1.45 4.59
C ASP A 176 -14.30 -1.45 3.39
N ILE A 177 -13.03 -1.78 3.65
CA ILE A 177 -12.00 -1.80 2.62
C ILE A 177 -12.39 -2.81 1.54
N ASP A 178 -12.87 -3.97 1.99
CA ASP A 178 -13.35 -5.01 1.09
C ASP A 178 -14.33 -4.41 0.09
N ALA A 179 -15.26 -3.59 0.60
CA ALA A 179 -16.35 -3.03 -0.19
C ALA A 179 -15.82 -2.01 -1.20
N TRP A 180 -14.87 -1.18 -0.79
CA TRP A 180 -14.28 -0.18 -1.68
C TRP A 180 -13.77 -0.87 -2.95
N ILE A 181 -13.07 -2.00 -2.74
CA ILE A 181 -12.41 -2.71 -3.82
C ILE A 181 -13.46 -3.35 -4.73
N LYS A 182 -14.49 -3.94 -4.12
CA LYS A 182 -15.53 -4.64 -4.87
C LYS A 182 -16.39 -3.65 -5.66
N ASN A 183 -16.53 -2.42 -5.14
CA ASN A 183 -17.37 -1.40 -5.76
C ASN A 183 -16.59 -0.64 -6.82
N ASN A 184 -15.30 -0.95 -6.95
CA ASN A 184 -14.46 -0.41 -8.01
C ASN A 184 -14.45 1.12 -7.95
N LEU A 185 -14.18 1.66 -6.76
CA LEU A 185 -14.06 3.10 -6.58
C LEU A 185 -12.90 3.62 -7.42
N GLN A 186 -12.98 4.90 -7.81
CA GLN A 186 -11.97 5.56 -8.61
C GLN A 186 -11.14 6.47 -7.70
N TRP A 187 -9.87 6.11 -7.50
CA TRP A 187 -9.00 6.74 -6.53
C TRP A 187 -8.09 7.77 -7.20
N ARG A 188 -7.94 8.93 -6.53
CA ARG A 188 -6.92 9.90 -6.85
C ARG A 188 -6.09 10.15 -5.58
N THR A 189 -4.88 9.58 -5.53
CA THR A 189 -4.04 9.70 -4.35
C THR A 189 -3.26 11.02 -4.40
N VAL A 190 -3.20 11.68 -3.24
CA VAL A 190 -2.35 12.83 -3.03
C VAL A 190 -0.98 12.32 -2.60
N LYS A 191 0.06 12.70 -3.36
CA LYS A 191 1.41 12.21 -3.14
C LYS A 191 2.01 12.87 -1.90
N ARG A 192 2.94 12.16 -1.25
CA ARG A 192 3.53 12.60 0.01
C ARG A 192 3.95 14.07 -0.09
N HIS A 193 4.57 14.45 -1.21
CA HIS A 193 5.12 15.79 -1.36
C HIS A 193 4.37 16.56 -2.43
N GLU A 194 3.04 16.41 -2.48
CA GLU A 194 2.22 17.07 -3.48
C GLU A 194 1.60 18.35 -2.89
N ASP A 195 1.55 19.39 -3.71
CA ASP A 195 1.02 20.70 -3.33
C ASP A 195 -0.48 20.62 -3.09
N ASN A 196 -1.05 21.71 -2.57
CA ASN A 196 -2.48 21.86 -2.40
C ASN A 196 -3.14 21.82 -3.78
N ILE A 197 -4.37 21.31 -3.83
CA ILE A 197 -5.07 21.05 -5.08
C ILE A 197 -6.32 21.92 -5.16
N LEU A 198 -6.39 22.74 -6.22
CA LEU A 198 -7.57 23.54 -6.52
C LEU A 198 -8.63 22.64 -7.14
N LEU A 199 -9.72 22.42 -6.40
CA LEU A 199 -10.76 21.49 -6.81
C LEU A 199 -11.83 22.24 -7.60
N ALA A 200 -12.05 23.50 -7.24
CA ALA A 200 -13.03 24.37 -7.89
C ALA A 200 -12.86 25.80 -7.39
N GLU A 201 -13.55 26.75 -8.02
CA GLU A 201 -13.46 28.15 -7.65
C GLU A 201 -13.73 28.28 -6.15
N GLY A 202 -12.68 28.67 -5.40
CA GLY A 202 -12.79 28.93 -3.97
C GLY A 202 -12.79 27.66 -3.12
N VAL A 203 -12.30 26.55 -3.68
CA VAL A 203 -12.24 25.28 -2.97
C VAL A 203 -10.89 24.61 -3.22
N LYS A 204 -10.13 24.38 -2.13
CA LYS A 204 -8.76 23.88 -2.21
C LYS A 204 -8.54 22.76 -1.19
N VAL A 205 -7.90 21.67 -1.64
CA VAL A 205 -7.52 20.55 -0.80
C VAL A 205 -6.15 20.81 -0.19
N LEU A 206 -6.05 20.66 1.14
CA LEU A 206 -4.80 20.85 1.87
C LEU A 206 -4.17 19.51 2.20
N ASN A 207 -2.89 19.35 1.88
CA ASN A 207 -2.14 18.13 2.18
C ASN A 207 -1.39 18.30 3.50
N PHE A 208 -1.97 17.75 4.58
CA PHE A 208 -1.42 17.91 5.93
C PHE A 208 -0.31 16.89 6.18
N GLY A 209 -0.39 15.73 5.53
CA GLY A 209 0.62 14.69 5.66
C GLY A 209 0.42 13.85 6.93
N SER A 210 1.49 13.16 7.34
CA SER A 210 1.44 12.24 8.48
C SER A 210 1.29 13.02 9.78
N GLY A 211 0.52 12.44 10.71
CA GLY A 211 0.30 13.01 12.02
C GLY A 211 -0.63 12.12 12.84
N HIS A 212 -1.90 12.51 12.92
CA HIS A 212 -2.94 11.72 13.54
C HIS A 212 -2.91 10.30 12.97
N ALA A 213 -2.91 10.22 11.62
CA ALA A 213 -2.83 8.95 10.92
C ALA A 213 -1.68 9.00 9.92
N TRP A 214 -1.65 8.03 8.99
CA TRP A 214 -0.57 7.92 8.03
C TRP A 214 -0.53 9.13 7.09
N GLY A 215 -1.70 9.65 6.72
CA GLY A 215 -1.80 10.80 5.83
C GLY A 215 -3.15 11.50 5.90
N MET A 216 -3.12 12.81 6.21
CA MET A 216 -4.32 13.59 6.47
C MET A 216 -4.54 14.64 5.37
N LEU A 217 -5.80 14.84 4.99
CA LEU A 217 -6.20 15.91 4.07
C LEU A 217 -7.19 16.84 4.76
N GLY A 218 -7.13 18.13 4.39
CA GLY A 218 -8.10 19.12 4.82
C GLY A 218 -8.67 19.87 3.62
N LEU A 219 -9.52 20.88 3.89
CA LEU A 219 -10.15 21.66 2.84
C LEU A 219 -10.20 23.14 3.24
N HIS A 220 -9.93 24.03 2.26
CA HIS A 220 -10.16 25.45 2.45
C HIS A 220 -11.21 25.93 1.45
N VAL A 221 -12.25 26.60 1.97
CA VAL A 221 -13.37 27.06 1.18
C VAL A 221 -13.52 28.57 1.37
N GLU A 222 -13.76 29.29 0.26
CA GLU A 222 -13.95 30.73 0.29
C GLU A 222 -15.35 31.05 -0.27
N LEU A 223 -16.25 31.51 0.61
CA LEU A 223 -17.63 31.81 0.25
C LEU A 223 -17.83 33.31 0.13
N PRO A 224 -18.57 33.78 -0.90
CA PRO A 224 -18.78 35.22 -1.12
C PRO A 224 -19.33 36.01 0.07
N GLU A 225 -20.24 35.38 0.83
N GLU A 225 -20.24 35.38 0.83
CA GLU A 225 -20.96 36.05 1.89
CA GLU A 225 -20.95 36.07 1.90
C GLU A 225 -20.30 35.76 3.24
C GLU A 225 -20.31 35.76 3.25
N THR A 226 -19.99 34.48 3.49
CA THR A 226 -19.52 34.04 4.81
C THR A 226 -18.00 34.21 4.92
N GLY A 227 -17.28 34.12 3.80
CA GLY A 227 -15.83 34.21 3.80
C GLY A 227 -15.16 32.83 3.83
N GLY A 228 -14.00 32.76 4.50
CA GLY A 228 -13.14 31.59 4.46
C GLY A 228 -13.43 30.59 5.58
N ILE A 229 -13.32 29.30 5.25
CA ILE A 229 -13.55 28.20 6.19
C ILE A 229 -12.48 27.13 5.95
N ILE A 230 -11.89 26.63 7.04
CA ILE A 230 -10.96 25.51 7.01
C ILE A 230 -11.59 24.29 7.68
N LEU A 231 -11.68 23.19 6.93
CA LEU A 231 -12.10 21.90 7.46
C LEU A 231 -10.86 21.09 7.85
N ALA A 232 -10.67 20.90 9.17
CA ALA A 232 -9.45 20.33 9.71
C ALA A 232 -9.58 18.83 9.95
N SER A 233 -10.82 18.35 10.11
CA SER A 233 -11.07 16.97 10.50
C SER A 233 -10.22 16.61 11.72
N ASP A 234 -9.64 15.41 11.73
CA ASP A 234 -9.01 14.85 12.91
C ASP A 234 -7.57 15.35 13.07
N ALA A 235 -7.18 16.29 12.21
CA ALA A 235 -5.95 17.05 12.43
C ALA A 235 -6.08 17.83 13.75
N ILE A 236 -7.31 18.20 14.09
CA ILE A 236 -7.63 18.88 15.33
C ILE A 236 -9.00 18.40 15.83
N TYR A 237 -8.98 17.57 16.87
CA TYR A 237 -10.19 16.99 17.44
C TYR A 237 -11.15 18.10 17.89
N THR A 238 -10.67 19.00 18.75
CA THR A 238 -11.52 19.96 19.43
C THR A 238 -10.75 21.25 19.70
N ALA A 239 -11.47 22.23 20.28
CA ALA A 239 -10.90 23.52 20.64
C ALA A 239 -9.84 23.35 21.73
N GLU A 240 -9.99 22.30 22.54
CA GLU A 240 -9.06 22.01 23.62
C GLU A 240 -7.75 21.49 23.03
N SER A 241 -7.85 20.71 21.95
CA SER A 241 -6.68 20.25 21.20
C SER A 241 -5.94 21.46 20.63
N TYR A 242 -6.72 22.41 20.10
CA TYR A 242 -6.22 23.54 19.33
C TYR A 242 -5.42 24.49 20.24
N GLY A 243 -5.98 24.76 21.42
CA GLY A 243 -5.36 25.68 22.37
C GLY A 243 -5.30 27.10 21.81
N PRO A 244 -4.13 27.76 21.89
CA PRO A 244 -2.93 27.15 22.46
C PRO A 244 -2.97 27.12 23.98
N PRO A 245 -2.17 26.23 24.60
CA PRO A 245 -1.24 25.38 23.87
C PRO A 245 -1.89 24.11 23.35
N ILE A 246 -1.16 23.39 22.49
CA ILE A 246 -1.66 22.19 21.84
C ILE A 246 -1.71 21.05 22.86
N LYS A 247 -2.81 20.29 22.80
CA LYS A 247 -2.98 19.09 23.63
C LYS A 247 -3.23 17.90 22.71
N PRO A 248 -2.19 17.09 22.43
CA PRO A 248 -2.28 16.01 21.44
C PRO A 248 -3.12 14.82 21.90
N PRO A 249 -3.61 14.00 20.95
CA PRO A 249 -4.39 12.81 21.27
C PRO A 249 -3.57 11.69 21.91
N GLY A 250 -4.29 10.70 22.46
CA GLY A 250 -3.70 9.62 23.25
C GLY A 250 -2.77 8.74 22.43
N ILE A 251 -3.26 8.28 21.28
CA ILE A 251 -2.43 7.54 20.34
C ILE A 251 -2.30 8.36 19.06
N ILE A 252 -1.06 8.40 18.55
CA ILE A 252 -0.67 9.21 17.42
C ILE A 252 0.28 8.37 16.58
N TYR A 253 0.24 8.52 15.26
CA TYR A 253 1.17 7.81 14.40
C TYR A 253 2.50 8.57 14.36
N ASP A 254 2.41 9.88 14.09
CA ASP A 254 3.58 10.74 13.92
C ASP A 254 3.40 12.00 14.75
N SER A 255 3.94 11.97 15.98
CA SER A 255 3.76 13.05 16.94
C SER A 255 4.28 14.37 16.38
N LEU A 256 5.50 14.32 15.81
CA LEU A 256 6.13 15.51 15.24
C LEU A 256 5.24 16.09 14.15
N GLY A 257 4.78 15.22 13.24
CA GLY A 257 3.93 15.62 12.13
C GLY A 257 2.64 16.26 12.61
N TYR A 258 2.08 15.71 13.69
CA TYR A 258 0.81 16.18 14.23
C TYR A 258 0.97 17.63 14.71
N MET A 259 2.01 17.88 15.51
CA MET A 259 2.25 19.18 16.12
C MET A 259 2.42 20.25 15.04
N ASN A 260 3.18 19.90 13.99
CA ASN A 260 3.47 20.81 12.89
C ASN A 260 2.17 21.17 12.15
N THR A 261 1.28 20.19 11.98
CA THR A 261 0.06 20.38 11.21
C THR A 261 -0.85 21.40 11.90
N VAL A 262 -1.00 21.26 13.22
CA VAL A 262 -1.89 22.13 13.99
C VAL A 262 -1.45 23.58 13.83
N GLU A 263 -0.15 23.81 13.95
CA GLU A 263 0.43 25.15 13.90
C GLU A 263 0.31 25.72 12.48
N ARG A 264 0.36 24.83 11.48
CA ARG A 264 0.22 25.25 10.10
C ARG A 264 -1.21 25.75 9.86
N ILE A 265 -2.19 25.04 10.43
CA ILE A 265 -3.59 25.40 10.29
C ILE A 265 -3.83 26.75 10.94
N ARG A 266 -3.21 26.99 12.10
CA ARG A 266 -3.37 28.22 12.84
C ARG A 266 -2.89 29.41 12.00
N ARG A 267 -1.74 29.21 11.32
CA ARG A 267 -1.14 30.27 10.52
C ARG A 267 -2.06 30.62 9.35
N ILE A 268 -2.55 29.59 8.66
CA ILE A 268 -3.43 29.76 7.51
C ILE A 268 -4.67 30.55 7.92
N ALA A 269 -5.26 30.18 9.06
CA ALA A 269 -6.50 30.80 9.54
C ALA A 269 -6.28 32.30 9.74
N GLN A 270 -5.13 32.66 10.31
CA GLN A 270 -4.80 34.04 10.65
C GLN A 270 -4.59 34.84 9.37
N GLU A 271 -3.86 34.26 8.41
CA GLU A 271 -3.42 34.97 7.22
C GLU A 271 -4.59 35.19 6.26
N THR A 272 -5.61 34.32 6.30
CA THR A 272 -6.72 34.38 5.36
C THR A 272 -8.01 34.77 6.07
N LYS A 273 -7.93 35.01 7.37
CA LYS A 273 -9.08 35.35 8.19
C LYS A 273 -10.20 34.33 7.95
N SER A 274 -9.89 33.05 8.23
CA SER A 274 -10.83 31.95 8.05
C SER A 274 -11.21 31.37 9.40
N GLN A 275 -12.44 30.82 9.48
CA GLN A 275 -12.86 30.00 10.61
C GLN A 275 -12.22 28.62 10.48
N VAL A 276 -11.98 27.98 11.63
CA VAL A 276 -11.48 26.60 11.67
C VAL A 276 -12.57 25.71 12.24
N TRP A 277 -12.98 24.70 11.45
CA TRP A 277 -13.98 23.73 11.86
C TRP A 277 -13.30 22.43 12.25
N PHE A 278 -13.42 22.07 13.53
CA PHE A 278 -12.71 20.94 14.10
C PHE A 278 -13.42 19.63 13.73
N GLY A 279 -12.74 18.51 13.97
CA GLY A 279 -13.23 17.19 13.63
C GLY A 279 -14.45 16.80 14.47
N HIS A 280 -14.32 16.89 15.80
CA HIS A 280 -15.31 16.34 16.71
C HIS A 280 -15.51 17.24 17.93
N ASP A 281 -15.86 18.51 17.69
CA ASP A 281 -16.06 19.48 18.77
C ASP A 281 -17.56 19.69 19.00
N ALA A 282 -18.06 19.17 20.12
CA ALA A 282 -19.48 19.17 20.44
C ALA A 282 -20.03 20.60 20.49
N GLU A 283 -19.32 21.51 21.15
CA GLU A 283 -19.78 22.86 21.37
C GLU A 283 -19.85 23.63 20.05
N GLN A 284 -18.78 23.52 19.25
CA GLN A 284 -18.73 24.20 17.97
C GLN A 284 -19.87 23.70 17.08
N PHE A 285 -20.14 22.40 17.12
CA PHE A 285 -21.09 21.76 16.22
C PHE A 285 -22.50 22.26 16.51
N LYS A 286 -22.78 22.52 17.80
CA LYS A 286 -24.09 23.01 18.22
C LYS A 286 -24.41 24.34 17.54
N LYS A 287 -23.36 25.11 17.25
CA LYS A 287 -23.52 26.48 16.75
C LYS A 287 -23.77 26.47 15.24
N PHE A 288 -23.28 25.44 14.54
CA PHE A 288 -23.43 25.35 13.09
C PHE A 288 -24.91 25.42 12.71
N ARG A 289 -25.16 25.92 11.49
CA ARG A 289 -26.46 25.82 10.84
C ARG A 289 -26.45 24.55 9.98
N LYS A 290 -27.26 23.55 10.38
CA LYS A 290 -27.24 22.25 9.75
C LYS A 290 -28.20 22.23 8.56
N SER A 291 -28.19 21.10 7.84
CA SER A 291 -28.86 20.95 6.56
C SER A 291 -30.38 21.02 6.72
N THR A 292 -30.87 20.94 7.97
CA THR A 292 -32.30 20.95 8.24
C THR A 292 -32.79 22.39 8.44
N GLU A 293 -31.87 23.35 8.46
CA GLU A 293 -32.20 24.75 8.72
C GLU A 293 -31.69 25.65 7.60
N GLY A 294 -30.60 25.24 6.94
CA GLY A 294 -30.09 26.03 5.82
C GLY A 294 -28.64 25.70 5.48
N TYR A 295 -27.90 26.75 5.12
CA TYR A 295 -26.62 26.63 4.43
C TYR A 295 -25.82 27.92 4.59
N TYR A 296 -24.56 27.88 4.13
CA TYR A 296 -23.69 29.03 4.13
C TYR A 296 -23.41 29.45 2.68
N GLU A 297 -23.69 30.72 2.39
CA GLU A 297 -23.35 31.33 1.11
C GLU A 297 -22.10 32.22 1.31
N LYS B 21 30.85 -24.54 13.03
CA LYS B 21 30.53 -23.81 11.78
C LYS B 21 29.45 -24.56 11.00
N ALA B 22 28.41 -23.82 10.60
CA ALA B 22 27.32 -24.38 9.81
C ALA B 22 27.85 -24.82 8.44
N ARG B 23 27.31 -25.94 7.95
CA ARG B 23 27.67 -26.48 6.65
C ARG B 23 26.41 -26.67 5.81
N PRO B 24 25.85 -25.58 5.26
CA PRO B 24 24.63 -25.65 4.45
C PRO B 24 24.88 -26.23 3.04
N LYS B 25 23.78 -26.53 2.35
CA LYS B 25 23.81 -26.89 0.95
C LYS B 25 22.84 -25.98 0.19
N LEU B 26 23.33 -25.40 -0.90
CA LEU B 26 22.55 -24.47 -1.72
C LEU B 26 22.21 -25.13 -3.05
N TYR B 27 20.92 -25.10 -3.41
CA TYR B 27 20.41 -25.73 -4.62
C TYR B 27 19.86 -24.69 -5.58
N VAL B 28 20.16 -24.86 -6.88
CA VAL B 28 19.56 -24.08 -7.95
C VAL B 28 18.47 -24.91 -8.62
N MET B 29 17.25 -24.37 -8.67
CA MET B 29 16.10 -25.10 -9.19
C MET B 29 15.58 -24.44 -10.47
N ASP B 30 15.49 -25.24 -11.53
CA ASP B 30 15.06 -24.80 -12.85
C ASP B 30 13.53 -24.75 -12.90
N ASN B 31 12.97 -23.56 -13.18
CA ASN B 31 11.53 -23.34 -13.14
C ASN B 31 11.00 -22.91 -14.51
N GLY B 32 11.70 -23.29 -15.58
CA GLY B 32 11.18 -23.12 -16.93
C GLY B 32 11.79 -21.92 -17.65
N ARG B 33 11.12 -21.48 -18.72
CA ARG B 33 11.65 -20.47 -19.64
C ARG B 33 10.57 -19.46 -20.01
N MET B 34 10.98 -18.22 -20.28
CA MET B 34 10.09 -17.16 -20.69
C MET B 34 10.68 -16.45 -21.92
N ARG B 35 9.80 -15.77 -22.68
CA ARG B 35 10.21 -14.99 -23.83
C ARG B 35 9.53 -13.61 -23.77
N MET B 36 10.20 -12.60 -24.34
CA MET B 36 9.64 -11.26 -24.44
C MET B 36 10.47 -10.42 -25.40
N ASP B 37 9.94 -9.25 -25.77
CA ASP B 37 10.64 -8.26 -26.58
C ASP B 37 11.97 -7.93 -25.92
N LYS B 38 13.05 -7.93 -26.70
CA LYS B 38 14.38 -7.70 -26.17
C LYS B 38 14.50 -6.26 -25.67
N ASN B 39 13.63 -5.38 -26.16
CA ASN B 39 13.61 -3.98 -25.76
C ASN B 39 13.21 -3.86 -24.29
N TRP B 40 12.49 -4.87 -23.77
CA TRP B 40 12.17 -4.92 -22.36
C TRP B 40 13.45 -5.11 -21.54
N MET B 41 14.36 -5.93 -22.07
CA MET B 41 15.52 -6.38 -21.32
C MET B 41 16.68 -5.40 -21.50
N ILE B 42 16.84 -4.89 -22.72
CA ILE B 42 17.88 -3.93 -23.06
C ILE B 42 17.26 -2.79 -23.87
N ALA B 43 17.11 -1.62 -23.23
CA ALA B 43 16.41 -0.49 -23.82
C ALA B 43 17.09 -0.02 -25.10
N MET B 44 16.28 0.28 -26.12
CA MET B 44 16.75 0.82 -27.39
C MET B 44 17.96 0.02 -27.88
N HIS B 45 17.83 -1.31 -27.88
CA HIS B 45 18.94 -2.20 -28.18
C HIS B 45 19.32 -2.12 -29.65
N ASN B 46 18.37 -1.70 -30.50
CA ASN B 46 18.58 -1.65 -31.95
C ASN B 46 17.73 -0.53 -32.55
N PRO B 47 18.12 0.75 -32.39
CA PRO B 47 17.30 1.88 -32.83
C PRO B 47 17.14 1.97 -34.35
N ALA B 48 15.98 2.45 -34.78
CA ALA B 48 15.73 2.74 -36.19
C ALA B 48 16.68 3.82 -36.67
N THR B 49 17.08 3.72 -37.95
CA THR B 49 17.94 4.70 -38.60
C THR B 49 17.32 5.12 -39.93
N ILE B 50 17.96 6.10 -40.58
CA ILE B 50 17.50 6.62 -41.86
C ILE B 50 17.54 5.51 -42.91
N HIS B 51 18.47 4.55 -42.71
CA HIS B 51 18.66 3.45 -43.64
C HIS B 51 17.86 2.23 -43.20
N ASN B 52 17.47 2.19 -41.92
CA ASN B 52 16.65 1.12 -41.37
C ASN B 52 15.51 1.74 -40.56
N PRO B 53 14.59 2.48 -41.21
CA PRO B 53 13.58 3.26 -40.51
C PRO B 53 12.46 2.44 -39.85
N ASN B 54 12.39 1.16 -40.21
CA ASN B 54 11.37 0.26 -39.67
C ASN B 54 12.06 -0.89 -38.94
N ALA B 55 13.11 -0.57 -38.18
CA ALA B 55 13.94 -1.55 -37.49
C ALA B 55 13.08 -2.60 -36.78
N GLN B 56 13.60 -3.82 -36.71
CA GLN B 56 12.93 -4.95 -36.08
C GLN B 56 13.59 -5.29 -34.75
N THR B 57 12.77 -5.65 -33.75
CA THR B 57 13.27 -6.20 -32.50
C THR B 57 13.27 -7.73 -32.61
N GLU B 58 13.56 -8.40 -31.48
N GLU B 58 13.54 -8.40 -31.49
CA GLU B 58 13.61 -9.84 -31.41
CA GLU B 58 13.53 -9.86 -31.46
C GLU B 58 12.80 -10.33 -30.20
C GLU B 58 12.88 -10.34 -30.17
N PHE B 59 12.56 -11.64 -30.15
CA PHE B 59 11.79 -12.24 -29.06
C PHE B 59 12.67 -13.28 -28.36
N VAL B 60 13.35 -12.86 -27.29
CA VAL B 60 14.44 -13.63 -26.69
C VAL B 60 13.90 -14.50 -25.55
N GLU B 61 14.58 -15.64 -25.32
CA GLU B 61 14.20 -16.61 -24.31
C GLU B 61 15.20 -16.57 -23.16
N PHE B 62 14.72 -16.77 -21.93
CA PHE B 62 15.56 -16.69 -20.74
C PHE B 62 14.99 -17.57 -19.65
N PRO B 63 15.83 -18.02 -18.69
CA PRO B 63 15.38 -18.91 -17.61
C PRO B 63 14.71 -18.21 -16.42
N ILE B 64 13.73 -18.91 -15.83
CA ILE B 64 13.16 -18.56 -14.54
C ILE B 64 13.66 -19.59 -13.53
N TYR B 65 14.28 -19.13 -12.43
CA TYR B 65 14.83 -20.06 -11.45
C TYR B 65 14.68 -19.51 -10.03
N THR B 66 14.87 -20.42 -9.07
CA THR B 66 14.79 -20.14 -7.64
C THR B 66 15.94 -20.84 -6.94
N VAL B 67 16.25 -20.39 -5.72
CA VAL B 67 17.37 -20.94 -4.95
C VAL B 67 16.89 -21.35 -3.57
N LEU B 68 17.26 -22.57 -3.16
CA LEU B 68 16.99 -23.07 -1.83
C LEU B 68 18.30 -23.23 -1.07
N ILE B 69 18.33 -22.66 0.15
N ILE B 69 18.33 -22.67 0.15
CA ILE B 69 19.45 -22.84 1.05
CA ILE B 69 19.45 -22.84 1.06
C ILE B 69 19.02 -23.75 2.19
C ILE B 69 19.03 -23.76 2.21
N ASP B 70 19.50 -25.00 2.16
CA ASP B 70 19.24 -25.96 3.22
C ASP B 70 20.21 -25.68 4.36
N HIS B 71 19.77 -24.85 5.31
CA HIS B 71 20.60 -24.36 6.38
C HIS B 71 20.22 -25.06 7.68
N PRO B 72 21.20 -25.41 8.55
CA PRO B 72 20.89 -26.06 9.82
C PRO B 72 19.94 -25.25 10.69
N GLU B 73 19.91 -23.92 10.47
CA GLU B 73 19.06 -23.02 11.24
C GLU B 73 17.66 -22.98 10.64
N GLY B 74 17.51 -23.54 9.43
CA GLY B 74 16.23 -23.55 8.74
C GLY B 74 16.40 -23.33 7.24
N LYS B 75 15.39 -23.76 6.47
CA LYS B 75 15.44 -23.71 5.02
C LYS B 75 14.98 -22.34 4.52
N ILE B 76 15.76 -21.77 3.59
CA ILE B 76 15.52 -20.44 3.04
C ILE B 76 15.31 -20.55 1.53
N LEU B 77 14.27 -19.88 1.04
CA LEU B 77 13.93 -19.88 -0.38
C LEU B 77 13.97 -18.46 -0.94
N PHE B 78 14.71 -18.28 -2.05
CA PHE B 78 14.80 -17.00 -2.72
C PHE B 78 14.01 -17.05 -4.01
N ASP B 79 12.92 -16.26 -4.08
CA ASP B 79 12.02 -16.20 -5.22
C ASP B 79 11.18 -17.47 -5.29
N THR B 80 10.10 -17.45 -6.12
CA THR B 80 9.14 -18.55 -6.15
C THR B 80 8.64 -18.81 -7.57
N SER B 81 9.26 -18.18 -8.58
CA SER B 81 8.92 -18.40 -9.98
C SER B 81 7.45 -18.02 -10.26
N CYS B 82 6.86 -18.68 -11.26
CA CYS B 82 5.50 -18.38 -11.71
C CYS B 82 4.50 -19.38 -11.13
N ASN B 83 3.23 -18.95 -11.01
CA ASN B 83 2.16 -19.82 -10.56
C ASN B 83 1.87 -20.85 -11.66
N PRO B 84 1.68 -22.14 -11.31
CA PRO B 84 1.37 -23.18 -12.30
C PRO B 84 0.14 -22.91 -13.15
N ASN B 85 -0.73 -21.99 -12.69
CA ASN B 85 -1.98 -21.69 -13.37
C ASN B 85 -1.93 -20.27 -13.93
N SER B 86 -0.81 -19.92 -14.57
CA SER B 86 -0.60 -18.59 -15.10
C SER B 86 -1.12 -18.49 -16.54
N MET B 87 -0.70 -19.46 -17.37
CA MET B 87 -0.94 -19.41 -18.81
C MET B 87 -2.20 -20.20 -19.15
N GLY B 88 -2.73 -19.96 -20.36
CA GLY B 88 -3.88 -20.69 -20.88
C GLY B 88 -5.13 -19.82 -20.89
N PRO B 89 -6.25 -20.32 -21.47
CA PRO B 89 -7.50 -19.56 -21.52
C PRO B 89 -8.11 -19.36 -20.14
N GLN B 90 -7.85 -20.30 -19.22
CA GLN B 90 -8.34 -20.24 -17.86
C GLN B 90 -7.22 -19.75 -16.93
N GLY B 91 -6.20 -19.12 -17.52
CA GLY B 91 -5.02 -18.69 -16.79
C GLY B 91 -5.29 -17.41 -15.99
N ARG B 92 -4.43 -17.17 -14.98
CA ARG B 92 -4.54 -16.00 -14.12
C ARG B 92 -4.05 -14.75 -14.84
N TRP B 93 -3.09 -14.94 -15.77
CA TRP B 93 -2.50 -13.84 -16.52
C TRP B 93 -3.48 -13.35 -17.59
N ALA B 94 -3.58 -12.02 -17.74
CA ALA B 94 -4.39 -11.41 -18.77
C ALA B 94 -3.86 -11.81 -20.15
N GLU B 95 -4.73 -11.74 -21.17
CA GLU B 95 -4.40 -12.22 -22.50
C GLU B 95 -3.20 -11.46 -23.05
N SER B 96 -3.24 -10.13 -22.92
CA SER B 96 -2.17 -9.26 -23.42
C SER B 96 -0.84 -9.64 -22.76
N THR B 97 -0.90 -10.01 -21.49
CA THR B 97 0.27 -10.38 -20.72
C THR B 97 0.84 -11.69 -21.25
N GLN B 98 -0.04 -12.68 -21.49
CA GLN B 98 0.37 -14.00 -21.93
C GLN B 98 1.07 -13.91 -23.29
N GLN B 99 0.67 -12.93 -24.09
CA GLN B 99 1.15 -12.79 -25.46
C GLN B 99 2.49 -12.05 -25.48
N MET B 100 2.72 -11.20 -24.47
CA MET B 100 3.91 -10.37 -24.42
C MET B 100 5.00 -11.06 -23.61
N PHE B 101 4.62 -11.90 -22.64
CA PHE B 101 5.57 -12.52 -21.73
C PHE B 101 5.23 -14.00 -21.51
N PRO B 102 5.14 -14.82 -22.57
CA PRO B 102 4.76 -16.23 -22.43
C PRO B 102 5.74 -17.08 -21.65
N TRP B 103 5.20 -17.89 -20.72
CA TRP B 103 5.99 -18.80 -19.89
C TRP B 103 5.75 -20.25 -20.31
N THR B 104 6.85 -20.99 -20.52
CA THR B 104 6.79 -22.40 -20.85
C THR B 104 7.57 -23.20 -19.81
N ALA B 105 6.96 -24.28 -19.32
CA ALA B 105 7.56 -25.13 -18.30
C ALA B 105 6.84 -26.48 -18.22
N THR B 106 7.62 -27.55 -18.05
CA THR B 106 7.07 -28.88 -17.82
C THR B 106 6.76 -29.04 -16.33
N GLU B 107 6.06 -30.14 -16.01
N GLU B 107 6.03 -30.11 -16.00
CA GLU B 107 5.54 -30.39 -14.67
CA GLU B 107 5.56 -30.36 -14.64
C GLU B 107 6.68 -30.45 -13.66
C GLU B 107 6.75 -30.40 -13.68
N GLU B 108 7.82 -31.03 -14.08
N GLU B 108 7.83 -31.07 -14.10
CA GLU B 108 8.96 -31.22 -13.21
CA GLU B 108 9.02 -31.24 -13.28
C GLU B 108 9.62 -29.87 -12.91
C GLU B 108 9.62 -29.88 -12.93
N CYS B 109 9.26 -28.85 -13.70
CA CYS B 109 9.80 -27.51 -13.56
C CYS B 109 9.04 -26.71 -12.49
N TYR B 110 7.81 -27.13 -12.18
CA TYR B 110 7.01 -26.45 -11.17
C TYR B 110 7.76 -26.48 -9.85
N LEU B 111 7.67 -25.38 -9.09
CA LEU B 111 8.46 -25.20 -7.89
C LEU B 111 8.16 -26.31 -6.87
N HIS B 112 6.88 -26.65 -6.73
N HIS B 112 6.88 -26.62 -6.71
CA HIS B 112 6.46 -27.62 -5.71
CA HIS B 112 6.43 -27.62 -5.75
C HIS B 112 7.05 -28.99 -6.02
C HIS B 112 7.10 -28.96 -6.02
N ASN B 113 7.23 -29.29 -7.31
CA ASN B 113 7.80 -30.57 -7.73
C ASN B 113 9.30 -30.57 -7.51
N ARG B 114 9.96 -29.45 -7.82
CA ARG B 114 11.40 -29.32 -7.66
C ARG B 114 11.77 -29.55 -6.20
N LEU B 115 10.97 -29.00 -5.28
CA LEU B 115 11.22 -29.13 -3.85
C LEU B 115 11.00 -30.58 -3.41
N GLU B 116 9.98 -31.22 -3.99
CA GLU B 116 9.60 -32.57 -3.63
C GLU B 116 10.75 -33.54 -3.89
N GLN B 117 11.44 -33.35 -5.03
CA GLN B 117 12.52 -34.23 -5.43
C GLN B 117 13.71 -34.10 -4.48
N LEU B 118 13.71 -33.04 -3.67
CA LEU B 118 14.74 -32.81 -2.67
C LEU B 118 14.22 -33.27 -1.31
N LYS B 119 13.00 -33.82 -1.30
CA LYS B 119 12.34 -34.25 -0.08
C LYS B 119 12.05 -33.04 0.79
N VAL B 120 11.62 -31.94 0.15
CA VAL B 120 11.27 -30.72 0.86
C VAL B 120 9.81 -30.38 0.58
N ARG B 121 9.02 -30.25 1.66
CA ARG B 121 7.64 -29.83 1.58
C ARG B 121 7.56 -28.31 1.80
N PRO B 122 6.55 -27.62 1.20
CA PRO B 122 6.39 -26.18 1.40
C PRO B 122 6.44 -25.75 2.87
N GLU B 123 5.89 -26.61 3.75
N GLU B 123 5.89 -26.61 3.75
CA GLU B 123 5.76 -26.29 5.16
CA GLU B 123 5.76 -26.29 5.16
C GLU B 123 7.12 -26.35 5.85
C GLU B 123 7.12 -26.36 5.86
N ASP B 124 8.14 -26.87 5.14
CA ASP B 124 9.47 -27.01 5.69
C ASP B 124 10.27 -25.72 5.50
N ILE B 125 9.71 -24.77 4.75
CA ILE B 125 10.37 -23.51 4.45
C ILE B 125 10.13 -22.52 5.58
N ARG B 126 11.22 -22.00 6.15
CA ARG B 126 11.16 -21.08 7.27
C ARG B 126 11.05 -19.64 6.78
N TYR B 127 11.83 -19.30 5.74
CA TYR B 127 11.86 -17.95 5.19
C TYR B 127 11.76 -18.00 3.67
N VAL B 128 10.91 -17.12 3.13
CA VAL B 128 10.87 -16.84 1.70
C VAL B 128 11.26 -15.39 1.49
N VAL B 129 12.31 -15.17 0.68
CA VAL B 129 12.73 -13.83 0.30
C VAL B 129 12.22 -13.53 -1.10
N ALA B 130 11.28 -12.58 -1.20
CA ALA B 130 10.75 -12.14 -2.48
C ALA B 130 11.54 -10.93 -2.97
N SER B 131 12.36 -11.15 -4.01
CA SER B 131 13.15 -10.08 -4.60
C SER B 131 12.26 -8.91 -5.00
N HIS B 132 11.10 -9.25 -5.58
CA HIS B 132 10.04 -8.30 -5.89
C HIS B 132 8.78 -9.11 -6.22
N LEU B 133 7.70 -8.42 -6.60
CA LEU B 133 6.38 -9.05 -6.66
C LEU B 133 5.87 -9.15 -8.09
N HIS B 134 6.78 -9.14 -9.06
CA HIS B 134 6.44 -9.37 -10.46
C HIS B 134 5.97 -10.81 -10.65
N LEU B 135 5.27 -11.05 -11.77
CA LEU B 135 4.56 -12.29 -12.01
C LEU B 135 5.50 -13.50 -12.03
N ASP B 136 6.79 -13.26 -12.30
CA ASP B 136 7.74 -14.34 -12.54
C ASP B 136 8.63 -14.58 -11.32
N HIS B 137 8.28 -13.98 -10.18
CA HIS B 137 9.08 -14.12 -8.97
C HIS B 137 8.20 -14.40 -7.76
N ALA B 138 6.93 -13.98 -7.82
CA ALA B 138 6.03 -14.05 -6.68
C ALA B 138 4.86 -15.01 -6.95
N GLY B 139 4.98 -15.77 -8.04
CA GLY B 139 3.92 -16.65 -8.53
C GLY B 139 3.42 -17.64 -7.49
N CYS B 140 4.32 -18.19 -6.66
CA CYS B 140 3.99 -19.32 -5.79
C CYS B 140 4.11 -18.95 -4.31
N LEU B 141 4.04 -17.66 -3.99
CA LEU B 141 4.11 -17.19 -2.62
C LEU B 141 3.06 -17.88 -1.74
N GLU B 142 1.86 -18.08 -2.32
CA GLU B 142 0.70 -18.55 -1.59
C GLU B 142 0.92 -19.93 -0.99
N MET B 143 1.96 -20.63 -1.47
CA MET B 143 2.24 -22.01 -1.06
C MET B 143 2.81 -22.05 0.36
N PHE B 144 3.57 -21.02 0.74
CA PHE B 144 4.41 -21.07 1.92
C PHE B 144 3.70 -20.38 3.09
N THR B 145 2.70 -21.08 3.64
CA THR B 145 1.85 -20.55 4.69
C THR B 145 2.50 -20.73 6.06
N ASN B 146 3.63 -21.46 6.10
CA ASN B 146 4.31 -21.75 7.35
C ASN B 146 5.58 -20.91 7.47
N ALA B 147 5.80 -20.05 6.47
CA ALA B 147 7.02 -19.25 6.40
C ALA B 147 6.74 -17.79 6.72
N THR B 148 7.83 -17.03 6.96
CA THR B 148 7.79 -15.58 6.97
C THR B 148 8.19 -15.08 5.59
N ILE B 149 7.32 -14.28 4.97
CA ILE B 149 7.57 -13.73 3.64
C ILE B 149 8.22 -12.36 3.78
N ILE B 150 9.48 -12.27 3.34
CA ILE B 150 10.26 -11.04 3.41
C ILE B 150 10.16 -10.31 2.08
N VAL B 151 9.73 -9.04 2.13
CA VAL B 151 9.47 -8.24 0.93
C VAL B 151 9.71 -6.76 1.26
N HIS B 152 10.04 -5.97 0.24
CA HIS B 152 10.20 -4.52 0.38
C HIS B 152 8.83 -3.86 0.53
N GLU B 153 8.74 -2.91 1.47
N GLU B 153 8.73 -2.91 1.48
CA GLU B 153 7.46 -2.31 1.85
CA GLU B 153 7.45 -2.32 1.84
C GLU B 153 6.87 -1.52 0.68
C GLU B 153 6.87 -1.54 0.66
N ASP B 154 7.73 -0.86 -0.09
CA ASP B 154 7.29 -0.04 -1.21
C ASP B 154 6.73 -0.94 -2.32
N GLU B 155 7.35 -2.11 -2.49
CA GLU B 155 6.91 -3.08 -3.49
C GLU B 155 5.55 -3.65 -3.09
N PHE B 156 5.41 -3.92 -1.78
CA PHE B 156 4.18 -4.45 -1.22
C PHE B 156 3.05 -3.44 -1.42
N ASN B 157 3.30 -2.17 -1.07
CA ASN B 157 2.29 -1.12 -1.15
C ASN B 157 1.81 -0.96 -2.59
N GLY B 158 2.76 -0.94 -3.52
CA GLY B 158 2.47 -0.76 -4.94
C GLY B 158 1.57 -1.87 -5.49
N ALA B 159 1.88 -3.12 -5.11
CA ALA B 159 1.14 -4.28 -5.59
C ALA B 159 -0.30 -4.20 -5.07
N LEU B 160 -0.45 -3.80 -3.80
CA LEU B 160 -1.75 -3.76 -3.16
C LEU B 160 -2.62 -2.66 -3.79
N GLN B 161 -1.99 -1.60 -4.31
CA GLN B 161 -2.73 -0.54 -4.99
C GLN B 161 -3.27 -1.04 -6.33
N CYS B 162 -2.44 -1.82 -7.04
CA CYS B 162 -2.85 -2.45 -8.29
C CYS B 162 -4.11 -3.27 -8.05
N TYR B 163 -4.12 -4.01 -6.94
CA TYR B 163 -5.23 -4.86 -6.56
C TYR B 163 -6.46 -4.03 -6.25
N ALA B 164 -6.27 -2.96 -5.45
CA ALA B 164 -7.37 -2.15 -4.95
C ALA B 164 -8.04 -1.36 -6.09
N ARG B 165 -7.25 -1.02 -7.12
CA ARG B 165 -7.74 -0.26 -8.26
C ARG B 165 -8.25 -1.20 -9.34
N ASN B 166 -8.23 -2.51 -9.05
CA ASN B 166 -8.76 -3.52 -9.94
C ASN B 166 -8.05 -3.50 -11.29
N GLN B 167 -6.72 -3.34 -11.26
N GLN B 167 -6.72 -3.35 -11.25
CA GLN B 167 -5.91 -3.36 -12.47
CA GLN B 167 -5.89 -3.41 -12.44
C GLN B 167 -5.69 -4.81 -12.88
C GLN B 167 -5.70 -4.87 -12.84
N LYS B 168 -6.21 -5.17 -14.06
N LYS B 168 -6.22 -5.24 -14.02
CA LYS B 168 -6.25 -6.55 -14.51
CA LYS B 168 -6.21 -6.62 -14.49
C LYS B 168 -5.10 -6.83 -15.48
C LYS B 168 -5.06 -6.82 -15.48
N GLU B 169 -4.38 -5.78 -15.88
N GLU B 169 -4.38 -5.73 -15.84
CA GLU B 169 -3.24 -5.91 -16.76
CA GLU B 169 -3.26 -5.77 -16.77
C GLU B 169 -1.99 -5.40 -16.05
C GLU B 169 -1.98 -5.42 -16.02
N GLY B 170 -0.83 -5.72 -16.64
CA GLY B 170 0.46 -5.36 -16.05
C GLY B 170 1.19 -6.58 -15.50
N ALA B 171 2.30 -6.32 -14.79
CA ALA B 171 3.21 -7.35 -14.32
C ALA B 171 2.83 -7.80 -12.91
N TYR B 172 1.82 -7.14 -12.34
CA TYR B 172 1.29 -7.49 -11.03
C TYR B 172 -0.05 -8.19 -11.21
N ILE B 173 -0.09 -9.49 -10.89
CA ILE B 173 -1.20 -10.37 -11.21
C ILE B 173 -2.26 -10.30 -10.12
N TRP B 174 -3.43 -9.78 -10.49
CA TRP B 174 -4.53 -9.56 -9.55
C TRP B 174 -4.87 -10.85 -8.82
N ALA B 175 -4.92 -11.96 -9.55
CA ALA B 175 -5.34 -13.25 -9.03
C ALA B 175 -4.30 -13.81 -8.05
N ASP B 176 -3.03 -13.50 -8.29
CA ASP B 176 -1.95 -13.93 -7.42
C ASP B 176 -2.07 -13.21 -6.08
N ILE B 177 -2.23 -11.89 -6.15
CA ILE B 177 -2.35 -11.04 -4.96
C ILE B 177 -3.57 -11.51 -4.14
N ASP B 178 -4.67 -11.77 -4.84
CA ASP B 178 -5.90 -12.25 -4.22
C ASP B 178 -5.59 -13.47 -3.35
N ALA B 179 -4.77 -14.39 -3.88
CA ALA B 179 -4.48 -15.65 -3.22
C ALA B 179 -3.63 -15.44 -1.97
N TRP B 180 -2.65 -14.51 -2.05
CA TRP B 180 -1.80 -14.23 -0.91
C TRP B 180 -2.66 -13.83 0.29
N ILE B 181 -3.67 -13.00 0.04
CA ILE B 181 -4.51 -12.42 1.08
C ILE B 181 -5.39 -13.52 1.68
N LYS B 182 -5.95 -14.38 0.81
CA LYS B 182 -6.87 -15.43 1.24
C LYS B 182 -6.12 -16.52 1.99
N ASN B 183 -4.84 -16.72 1.68
CA ASN B 183 -4.03 -17.78 2.27
C ASN B 183 -3.37 -17.28 3.55
N ASN B 184 -3.59 -16.01 3.88
CA ASN B 184 -3.17 -15.45 5.15
C ASN B 184 -1.66 -15.57 5.33
N LEU B 185 -0.90 -15.16 4.32
CA LEU B 185 0.55 -15.18 4.38
C LEU B 185 1.03 -14.25 5.49
N GLN B 186 2.19 -14.57 6.07
CA GLN B 186 2.78 -13.81 7.15
C GLN B 186 3.92 -12.94 6.60
N TRP B 187 3.69 -11.62 6.60
CA TRP B 187 4.58 -10.68 5.93
C TRP B 187 5.53 -10.02 6.93
N ARG B 188 6.79 -9.88 6.48
CA ARG B 188 7.78 -9.04 7.13
C ARG B 188 8.33 -8.07 6.08
N THR B 189 7.89 -6.81 6.13
CA THR B 189 8.30 -5.82 5.15
C THR B 189 9.65 -5.24 5.55
N VAL B 190 10.52 -5.05 4.55
CA VAL B 190 11.76 -4.31 4.70
C VAL B 190 11.46 -2.84 4.45
N LYS B 191 11.76 -2.00 5.44
CA LYS B 191 11.44 -0.57 5.38
C LYS B 191 12.38 0.12 4.41
N ARG B 192 11.90 1.24 3.84
CA ARG B 192 12.61 1.95 2.80
C ARG B 192 14.08 2.16 3.17
N HIS B 193 14.34 2.52 4.44
CA HIS B 193 15.69 2.89 4.85
C HIS B 193 16.25 1.89 5.86
N GLU B 194 15.82 0.62 5.76
CA GLU B 194 16.24 -0.41 6.69
C GLU B 194 17.53 -1.08 6.21
N ASP B 195 18.42 -1.38 7.16
CA ASP B 195 19.71 -1.99 6.88
C ASP B 195 19.54 -3.42 6.41
N ASN B 196 20.65 -4.03 5.98
CA ASN B 196 20.69 -5.43 5.56
C ASN B 196 20.37 -6.31 6.76
N ILE B 197 19.71 -7.44 6.51
CA ILE B 197 19.19 -8.30 7.57
C ILE B 197 19.95 -9.62 7.55
N LEU B 198 20.54 -9.96 8.71
CA LEU B 198 21.17 -11.26 8.93
C LEU B 198 20.07 -12.29 9.18
N LEU B 199 19.89 -13.21 8.23
CA LEU B 199 18.82 -14.19 8.27
C LEU B 199 19.31 -15.45 8.97
N ALA B 200 20.60 -15.76 8.80
CA ALA B 200 21.24 -16.92 9.41
C ALA B 200 22.75 -16.84 9.17
N GLU B 201 23.49 -17.77 9.80
CA GLU B 201 24.94 -17.80 9.65
C GLU B 201 25.30 -17.82 8.16
N GLY B 202 25.90 -16.72 7.70
CA GLY B 202 26.42 -16.61 6.35
C GLY B 202 25.33 -16.29 5.32
N VAL B 203 24.18 -15.79 5.78
CA VAL B 203 23.07 -15.46 4.90
C VAL B 203 22.51 -14.09 5.27
N LYS B 204 22.59 -13.14 4.33
CA LYS B 204 22.22 -11.76 4.56
C LYS B 204 21.30 -11.25 3.44
N VAL B 205 20.20 -10.59 3.84
CA VAL B 205 19.27 -9.96 2.90
C VAL B 205 19.73 -8.54 2.59
N LEU B 206 19.81 -8.21 1.29
CA LEU B 206 20.26 -6.90 0.83
C LEU B 206 19.07 -6.07 0.37
N ASN B 207 18.96 -4.83 0.88
CA ASN B 207 17.91 -3.90 0.52
C ASN B 207 18.39 -2.97 -0.58
N PHE B 208 18.02 -3.27 -1.84
CA PHE B 208 18.47 -2.51 -2.99
C PHE B 208 17.60 -1.27 -3.20
N GLY B 209 16.36 -1.32 -2.75
CA GLY B 209 15.43 -0.21 -2.87
C GLY B 209 14.81 -0.11 -4.26
N SER B 210 14.30 1.08 -4.60
CA SER B 210 13.60 1.31 -5.85
C SER B 210 14.59 1.31 -7.02
N GLY B 211 14.13 0.77 -8.15
CA GLY B 211 14.93 0.70 -9.36
C GLY B 211 14.14 0.04 -10.49
N HIS B 212 14.44 -1.23 -10.74
CA HIS B 212 13.67 -2.06 -11.66
C HIS B 212 12.19 -1.94 -11.33
N ALA B 213 11.86 -2.12 -10.05
CA ALA B 213 10.50 -2.00 -9.56
C ALA B 213 10.45 -1.09 -8.34
N TRP B 214 9.33 -1.10 -7.62
CA TRP B 214 9.12 -0.19 -6.50
C TRP B 214 10.14 -0.45 -5.39
N GLY B 215 10.46 -1.73 -5.14
CA GLY B 215 11.42 -2.10 -4.10
C GLY B 215 12.01 -3.49 -4.32
N MET B 216 13.35 -3.56 -4.39
CA MET B 216 14.07 -4.77 -4.74
C MET B 216 14.88 -5.29 -3.55
N LEU B 217 14.88 -6.62 -3.36
CA LEU B 217 15.69 -7.29 -2.35
C LEU B 217 16.64 -8.28 -3.04
N GLY B 218 17.85 -8.40 -2.48
CA GLY B 218 18.82 -9.39 -2.91
C GLY B 218 19.29 -10.24 -1.73
N LEU B 219 20.26 -11.13 -1.98
CA LEU B 219 20.78 -12.03 -0.94
C LEU B 219 22.28 -12.20 -1.11
N HIS B 220 23.01 -12.23 0.01
CA HIS B 220 24.41 -12.60 0.01
C HIS B 220 24.62 -13.85 0.87
N VAL B 221 25.27 -14.87 0.29
CA VAL B 221 25.49 -16.14 0.94
C VAL B 221 26.98 -16.44 0.98
N GLU B 222 27.47 -16.92 2.13
CA GLU B 222 28.86 -17.30 2.31
C GLU B 222 28.95 -18.79 2.65
N LEU B 223 29.47 -19.59 1.71
CA LEU B 223 29.58 -21.03 1.86
C LEU B 223 31.01 -21.43 2.21
N PRO B 224 31.20 -22.37 3.16
CA PRO B 224 32.54 -22.80 3.57
C PRO B 224 33.48 -23.20 2.43
N GLU B 225 32.94 -23.93 1.44
CA GLU B 225 33.75 -24.50 0.39
C GLU B 225 33.72 -23.62 -0.86
N THR B 226 32.53 -23.07 -1.19
CA THR B 226 32.33 -22.37 -2.45
C THR B 226 32.71 -20.89 -2.32
N GLY B 227 32.55 -20.34 -1.10
CA GLY B 227 32.79 -18.93 -0.86
C GLY B 227 31.51 -18.10 -0.99
N GLY B 228 31.64 -16.87 -1.51
CA GLY B 228 30.58 -15.88 -1.50
C GLY B 228 29.75 -15.87 -2.79
N ILE B 229 28.44 -15.63 -2.64
CA ILE B 229 27.50 -15.58 -3.75
C ILE B 229 26.51 -14.45 -3.50
N ILE B 230 26.27 -13.62 -4.53
CA ILE B 230 25.26 -12.58 -4.51
C ILE B 230 24.13 -12.95 -5.47
N LEU B 231 22.90 -13.02 -4.93
CA LEU B 231 21.71 -13.21 -5.73
C LEU B 231 21.09 -11.84 -6.02
N ALA B 232 21.18 -11.41 -7.28
CA ALA B 232 20.84 -10.06 -7.69
C ALA B 232 19.39 -9.97 -8.18
N SER B 233 18.86 -11.08 -8.69
CA SER B 233 17.55 -11.10 -9.31
C SER B 233 17.49 -10.03 -10.40
N ASP B 234 16.36 -9.31 -10.49
CA ASP B 234 16.08 -8.43 -11.62
C ASP B 234 16.75 -7.06 -11.44
N ALA B 235 17.52 -6.91 -10.36
CA ALA B 235 18.40 -5.76 -10.23
C ALA B 235 19.39 -5.77 -11.39
N ILE B 236 19.72 -6.98 -11.87
CA ILE B 236 20.58 -7.17 -13.03
C ILE B 236 20.08 -8.35 -13.85
N TYR B 237 19.46 -8.05 -15.00
CA TYR B 237 18.89 -9.07 -15.86
C TYR B 237 19.97 -10.07 -16.28
N THR B 238 21.04 -9.57 -16.92
CA THR B 238 22.03 -10.43 -17.56
C THR B 238 23.42 -9.79 -17.47
N ALA B 239 24.42 -10.52 -17.98
CA ALA B 239 25.80 -10.07 -18.01
C ALA B 239 25.94 -8.84 -18.91
N GLU B 240 25.05 -8.74 -19.91
CA GLU B 240 25.03 -7.61 -20.83
C GLU B 240 24.53 -6.36 -20.11
N SER B 241 23.56 -6.55 -19.22
CA SER B 241 23.07 -5.48 -18.37
C SER B 241 24.20 -4.96 -17.47
N TYR B 242 24.99 -5.92 -16.95
CA TYR B 242 25.99 -5.68 -15.92
C TYR B 242 27.16 -4.90 -16.48
N GLY B 243 27.57 -5.25 -17.70
CA GLY B 243 28.72 -4.62 -18.34
C GLY B 243 30.00 -4.83 -17.52
N PRO B 244 30.79 -3.74 -17.29
CA PRO B 244 30.39 -2.40 -17.70
C PRO B 244 30.62 -2.20 -19.19
N PRO B 245 29.92 -1.22 -19.80
CA PRO B 245 29.05 -0.33 -19.05
C PRO B 245 27.64 -0.89 -18.89
N ILE B 246 26.86 -0.26 -18.02
CA ILE B 246 25.52 -0.70 -17.70
C ILE B 246 24.59 -0.43 -18.88
N LYS B 247 23.80 -1.44 -19.24
CA LYS B 247 22.76 -1.29 -20.25
C LYS B 247 21.40 -1.52 -19.58
N PRO B 248 20.65 -0.45 -19.27
CA PRO B 248 19.39 -0.56 -18.53
C PRO B 248 18.26 -1.18 -19.32
N PRO B 249 17.23 -1.72 -18.63
CA PRO B 249 16.07 -2.33 -19.29
C PRO B 249 15.14 -1.30 -19.93
N GLY B 250 14.22 -1.80 -20.77
CA GLY B 250 13.36 -0.98 -21.61
C GLY B 250 12.41 -0.11 -20.80
N ILE B 251 11.80 -0.71 -19.76
CA ILE B 251 10.97 0.04 -18.84
C ILE B 251 11.55 -0.11 -17.44
N ILE B 252 11.48 1.00 -16.69
CA ILE B 252 12.10 1.12 -15.38
C ILE B 252 11.19 2.01 -14.54
N TYR B 253 11.08 1.73 -13.23
CA TYR B 253 10.33 2.60 -12.35
C TYR B 253 11.20 3.79 -11.97
N ASP B 254 12.40 3.51 -11.47
CA ASP B 254 13.31 4.52 -10.96
C ASP B 254 14.69 4.33 -11.61
N SER B 255 14.93 5.06 -12.71
CA SER B 255 16.14 4.91 -13.50
C SER B 255 17.36 5.17 -12.63
N LEU B 256 17.35 6.28 -11.89
CA LEU B 256 18.46 6.67 -11.04
C LEU B 256 18.76 5.55 -10.05
N GLY B 257 17.72 5.07 -9.37
CA GLY B 257 17.86 4.02 -8.38
C GLY B 257 18.44 2.73 -8.97
N TYR B 258 18.02 2.42 -10.21
CA TYR B 258 18.48 1.22 -10.90
C TYR B 258 19.99 1.27 -11.10
N MET B 259 20.48 2.40 -11.63
CA MET B 259 21.88 2.56 -11.96
C MET B 259 22.73 2.44 -10.70
N ASN B 260 22.27 3.07 -9.62
CA ASN B 260 22.97 3.05 -8.33
C ASN B 260 23.08 1.62 -7.81
N THR B 261 22.01 0.83 -7.98
CA THR B 261 21.96 -0.52 -7.44
C THR B 261 23.00 -1.42 -8.11
N VAL B 262 23.10 -1.32 -9.44
CA VAL B 262 24.02 -2.16 -10.20
C VAL B 262 25.44 -1.93 -9.71
N GLU B 263 25.81 -0.65 -9.51
CA GLU B 263 27.16 -0.27 -9.13
C GLU B 263 27.45 -0.71 -7.70
N ARG B 264 26.41 -0.72 -6.86
CA ARG B 264 26.55 -1.15 -5.47
C ARG B 264 26.88 -2.64 -5.43
N ILE B 265 26.25 -3.40 -6.33
CA ILE B 265 26.43 -4.85 -6.39
C ILE B 265 27.86 -5.15 -6.85
N ARG B 266 28.34 -4.38 -7.83
CA ARG B 266 29.69 -4.55 -8.36
C ARG B 266 30.71 -4.36 -7.24
N ARG B 267 30.49 -3.34 -6.41
CA ARG B 267 31.40 -3.01 -5.32
C ARG B 267 31.44 -4.16 -4.32
N ILE B 268 30.26 -4.64 -3.91
CA ILE B 268 30.14 -5.70 -2.93
C ILE B 268 30.88 -6.95 -3.42
N ALA B 269 30.70 -7.28 -4.71
CA ALA B 269 31.27 -8.48 -5.30
C ALA B 269 32.80 -8.43 -5.20
N GLN B 270 33.35 -7.24 -5.47
CA GLN B 270 34.79 -7.03 -5.51
C GLN B 270 35.38 -7.10 -4.10
N GLU B 271 34.68 -6.50 -3.13
CA GLU B 271 35.19 -6.35 -1.78
C GLU B 271 35.13 -7.68 -1.02
N THR B 272 34.18 -8.55 -1.39
CA THR B 272 33.97 -9.81 -0.67
C THR B 272 34.39 -10.99 -1.54
N LYS B 273 34.87 -10.70 -2.75
CA LYS B 273 35.26 -11.73 -3.70
C LYS B 273 34.13 -12.73 -3.88
N SER B 274 32.95 -12.22 -4.28
CA SER B 274 31.76 -13.03 -4.48
C SER B 274 31.41 -13.10 -5.96
N GLN B 275 30.84 -14.24 -6.37
CA GLN B 275 30.20 -14.37 -7.67
C GLN B 275 28.87 -13.64 -7.65
N VAL B 276 28.44 -13.15 -8.82
CA VAL B 276 27.14 -12.48 -8.97
C VAL B 276 26.25 -13.35 -9.86
N TRP B 277 25.11 -13.77 -9.30
CA TRP B 277 24.14 -14.57 -10.03
C TRP B 277 22.99 -13.68 -10.51
N PHE B 278 22.86 -13.57 -11.83
CA PHE B 278 21.92 -12.65 -12.45
C PHE B 278 20.51 -13.26 -12.43
N GLY B 279 19.53 -12.41 -12.76
CA GLY B 279 18.12 -12.78 -12.71
C GLY B 279 17.75 -13.76 -13.82
N HIS B 280 18.14 -13.45 -15.06
CA HIS B 280 17.66 -14.18 -16.23
C HIS B 280 18.75 -14.29 -17.30
N ASP B 281 19.92 -14.83 -16.94
CA ASP B 281 21.04 -14.96 -17.86
C ASP B 281 21.17 -16.41 -18.33
N ALA B 282 20.81 -16.65 -19.60
CA ALA B 282 20.74 -17.99 -20.15
C ALA B 282 22.08 -18.71 -20.08
N GLU B 283 23.16 -17.98 -20.42
N GLU B 283 23.15 -17.99 -20.46
CA GLU B 283 24.49 -18.56 -20.51
CA GLU B 283 24.49 -18.55 -20.51
C GLU B 283 25.01 -18.93 -19.12
C GLU B 283 24.95 -18.95 -19.11
N GLN B 284 24.86 -18.01 -18.16
CA GLN B 284 25.29 -18.24 -16.80
C GLN B 284 24.54 -19.44 -16.22
N PHE B 285 23.24 -19.53 -16.52
CA PHE B 285 22.37 -20.52 -15.93
C PHE B 285 22.81 -21.93 -16.36
N LYS B 286 23.30 -22.05 -17.60
CA LYS B 286 23.71 -23.33 -18.15
C LYS B 286 24.84 -23.94 -17.32
N LYS B 287 25.66 -23.07 -16.71
CA LYS B 287 26.88 -23.49 -16.05
C LYS B 287 26.60 -23.91 -14.60
N PHE B 288 25.45 -23.50 -14.05
CA PHE B 288 25.08 -23.84 -12.69
C PHE B 288 24.94 -25.35 -12.54
N ARG B 289 25.26 -25.86 -11.34
CA ARG B 289 24.85 -27.18 -10.91
C ARG B 289 23.41 -27.12 -10.39
N LYS B 290 22.50 -27.79 -11.09
CA LYS B 290 21.08 -27.75 -10.75
C LYS B 290 20.77 -28.86 -9.74
N SER B 291 19.55 -28.79 -9.20
CA SER B 291 19.11 -29.65 -8.10
C SER B 291 19.10 -31.12 -8.53
N THR B 292 19.21 -31.38 -9.83
CA THR B 292 19.13 -32.73 -10.37
C THR B 292 20.51 -33.38 -10.36
N GLU B 293 21.57 -32.58 -10.13
CA GLU B 293 22.94 -33.06 -10.20
C GLU B 293 23.66 -32.83 -8.87
N GLY B 294 23.21 -31.83 -8.10
CA GLY B 294 23.79 -31.61 -6.78
C GLY B 294 23.56 -30.20 -6.25
N TYR B 295 24.58 -29.69 -5.57
CA TYR B 295 24.46 -28.54 -4.67
C TYR B 295 25.82 -27.88 -4.50
N TYR B 296 25.80 -26.73 -3.82
CA TYR B 296 27.02 -25.99 -3.48
C TYR B 296 27.21 -26.01 -1.97
N GLU B 297 28.39 -26.46 -1.54
CA GLU B 297 28.80 -26.40 -0.15
C GLU B 297 29.85 -25.30 0.02
#